data_3RSG
#
_entry.id   3RSG
#
_cell.length_a   122.168
_cell.length_b   122.168
_cell.length_c   155.108
_cell.angle_alpha   90.00
_cell.angle_beta   90.00
_cell.angle_gamma   90.00
#
_symmetry.space_group_name_H-M   'I 4 2 2'
#
loop_
_entity.id
_entity.type
_entity.pdbx_description
1 polymer 'Putative uncharacterized protein'
2 polymer 'Unknown peptide, probably from expression host'
3 non-polymer 'POTASSIUM ION'
4 non-polymer 'MAGNESIUM ION'
5 non-polymer NICOTINAMIDE-ADENINE-DINUCLEOTIDE
6 non-polymer ADENOSINE-5-DIPHOSPHORIBOSE
7 water water
#
loop_
_entity_poly.entity_id
_entity_poly.type
_entity_poly.pdbx_seq_one_letter_code
_entity_poly.pdbx_strand_id
1 'polypeptide(L)'
;MGSDKIHHHHHHMKEIDELTIKEYGVDSRILMERAGISVVLAMEEELGNLSDYRFLVLCGGGNNGGDGFVVARNLLGVVK
DVLVVFLGKKKTPDCEYNYGLYKKFGGKVVEQFEPSILNEFDVVVDAIFGTGLRGEITGEYAEIINLVNKSGKVVVSVDV
PSGIDSNTGKVLRTAVKADLTVTFGVPKIGHILFPGRDLTGKLKVANIGHPVHLINSINRYVITREMVRSLLPERPRDSH
KGTYGKVLIIAGSRLYSGAPVLSGMGSLKVGTGLVKLAVPFPQNLIATSRFPELISVPIDTEKGFFSLQNLQECLELSKD
VDVVAIGPGLGNNEHVREFVNEFLKTLEKPAVIDADAINVLDTSVLKERKSPAVLTPHPGEMARLVKKTVGDVKYNYELA
EEFAKENDCVLVLKSATTIVTDGEKTLFNITGNTGLSKGGSGDVLTGMIAGFIAQGLSPLEASTVSVYLHGFAAELFEQD
ERGLTASELLRLIPEAIRRLKE
;
A
2 'polypeptide(L)' AWLFEA B
#
loop_
_chem_comp.id
_chem_comp.type
_chem_comp.name
_chem_comp.formula
APR non-polymer ADENOSINE-5-DIPHOSPHORIBOSE 'C15 H23 N5 O14 P2'
K non-polymer 'POTASSIUM ION' 'K 1'
MG non-polymer 'MAGNESIUM ION' 'Mg 2'
NAD non-polymer NICOTINAMIDE-ADENINE-DINUCLEOTIDE 'C21 H27 N7 O14 P2'
#
# COMPACT_ATOMS: atom_id res chain seq x y z
N MET A 13 -7.34 -13.91 9.68
CA MET A 13 -7.90 -13.33 10.94
C MET A 13 -9.13 -14.11 11.40
N LYS A 14 -9.84 -14.73 10.47
CA LYS A 14 -10.98 -15.56 10.89
C LYS A 14 -10.45 -16.81 11.59
N GLU A 15 -9.37 -17.38 11.05
CA GLU A 15 -8.69 -18.50 11.67
C GLU A 15 -8.12 -18.06 12.97
N ILE A 16 -7.73 -16.80 13.06
CA ILE A 16 -7.08 -16.28 14.27
C ILE A 16 -8.07 -16.13 15.42
N ASP A 17 -9.24 -15.57 15.12
CA ASP A 17 -10.37 -15.60 16.05
C ASP A 17 -10.74 -17.02 16.49
N GLU A 18 -10.89 -17.95 15.52
CA GLU A 18 -11.32 -19.32 15.85
C GLU A 18 -10.31 -19.99 16.76
N LEU A 19 -9.03 -19.82 16.47
CA LEU A 19 -8.00 -20.45 17.28
C LEU A 19 -7.95 -19.87 18.68
N THR A 20 -8.15 -18.55 18.79
CA THR A 20 -8.09 -17.88 20.06
C THR A 20 -9.24 -18.40 20.97
N ILE A 21 -10.42 -18.59 20.39
CA ILE A 21 -11.54 -19.16 21.10
C ILE A 21 -11.38 -20.67 21.37
N LYS A 22 -11.22 -21.45 20.30
CA LYS A 22 -11.31 -22.90 20.41
C LYS A 22 -10.06 -23.57 21.00
N GLU A 23 -8.88 -22.99 20.83
CA GLU A 23 -7.67 -23.65 21.33
C GLU A 23 -7.06 -22.95 22.52
N TYR A 24 -7.03 -21.62 22.50
CA TYR A 24 -6.48 -20.85 23.63
C TYR A 24 -7.54 -20.77 24.71
N GLY A 25 -8.81 -20.81 24.34
CA GLY A 25 -9.86 -20.86 25.35
C GLY A 25 -10.50 -19.56 25.76
N VAL A 26 -10.28 -18.51 24.98
CA VAL A 26 -10.89 -17.23 25.27
C VAL A 26 -12.35 -17.26 24.85
N ASP A 27 -13.24 -17.01 25.80
CA ASP A 27 -14.68 -16.96 25.54
C ASP A 27 -14.93 -15.96 24.43
N SER A 28 -15.76 -16.35 23.45
CA SER A 28 -16.11 -15.44 22.34
C SER A 28 -16.73 -14.13 22.87
N ARG A 29 -17.49 -14.19 23.96
CA ARG A 29 -18.07 -12.98 24.53
C ARG A 29 -17.04 -11.97 25.06
N ILE A 30 -15.94 -12.46 25.63
CA ILE A 30 -14.82 -11.64 26.07
C ILE A 30 -14.16 -10.90 24.91
N LEU A 31 -13.94 -11.58 23.78
CA LEU A 31 -13.41 -10.95 22.57
C LEU A 31 -14.37 -9.85 22.10
N MET A 32 -15.67 -10.13 22.13
CA MET A 32 -16.69 -9.18 21.69
C MET A 32 -16.75 -7.95 22.66
N GLU A 33 -16.65 -8.20 23.97
CA GLU A 33 -16.58 -7.09 24.91
C GLU A 33 -15.37 -6.21 24.68
N ARG A 34 -14.20 -6.83 24.56
CA ARG A 34 -12.99 -6.12 24.20
C ARG A 34 -13.10 -5.33 22.90
N ALA A 35 -13.77 -5.89 21.86
CA ALA A 35 -13.98 -5.19 20.60
C ALA A 35 -14.76 -3.91 20.86
N GLY A 36 -15.86 -4.05 21.56
CA GLY A 36 -16.75 -2.91 21.74
C GLY A 36 -16.16 -1.81 22.58
N ILE A 37 -15.50 -2.14 23.68
CA ILE A 37 -14.87 -1.09 24.47
C ILE A 37 -13.76 -0.41 23.70
N SER A 38 -13.08 -1.11 22.83
CA SER A 38 -11.97 -0.49 22.13
C SER A 38 -12.55 0.60 21.18
N VAL A 39 -13.75 0.36 20.70
CA VAL A 39 -14.43 1.38 19.86
C VAL A 39 -14.79 2.62 20.69
N VAL A 40 -15.29 2.43 21.92
CA VAL A 40 -15.59 3.54 22.80
C VAL A 40 -14.32 4.35 23.07
N LEU A 41 -13.22 3.68 23.41
CA LEU A 41 -11.96 4.39 23.73
C LEU A 41 -11.41 5.13 22.55
N ALA A 42 -11.51 4.52 21.38
CA ALA A 42 -11.07 5.13 20.13
C ALA A 42 -11.86 6.43 19.86
N MET A 43 -13.17 6.38 20.09
CA MET A 43 -14.05 7.52 19.82
C MET A 43 -13.75 8.65 20.77
N GLU A 44 -13.42 8.30 22.01
CA GLU A 44 -13.09 9.30 23.01
C GLU A 44 -11.79 10.07 22.68
N GLU A 45 -10.80 9.31 22.24
CA GLU A 45 -9.51 9.80 21.76
C GLU A 45 -9.69 10.70 20.52
N GLU A 46 -10.67 10.38 19.68
CA GLU A 46 -10.97 11.18 18.50
C GLU A 46 -11.91 12.38 18.80
N LEU A 47 -12.94 12.19 19.62
CA LEU A 47 -13.92 13.24 19.83
C LEU A 47 -13.75 14.02 21.15
N GLY A 48 -12.85 13.58 22.01
CA GLY A 48 -12.75 14.17 23.34
C GLY A 48 -13.86 13.55 24.17
N ASN A 49 -14.22 14.22 25.26
CA ASN A 49 -15.29 13.77 26.16
C ASN A 49 -16.58 13.44 25.40
N LEU A 50 -17.09 12.23 25.59
CA LEU A 50 -18.25 11.79 24.85
C LEU A 50 -19.57 12.22 25.48
N SER A 51 -19.57 12.82 26.66
CA SER A 51 -20.80 12.92 27.41
C SER A 51 -21.85 13.87 26.77
N ASP A 52 -21.44 14.73 25.84
CA ASP A 52 -22.36 15.66 25.20
C ASP A 52 -22.84 15.22 23.80
N TYR A 53 -22.44 14.05 23.34
CA TYR A 53 -22.87 13.61 22.01
C TYR A 53 -24.07 12.67 22.10
N ARG A 54 -24.88 12.65 21.04
CA ARG A 54 -25.96 11.70 20.93
C ARG A 54 -25.56 10.65 19.87
N PHE A 55 -25.67 9.37 20.23
CA PHE A 55 -25.17 8.27 19.37
C PHE A 55 -26.28 7.41 18.74
N LEU A 56 -26.17 7.20 17.43
CA LEU A 56 -27.03 6.29 16.68
C LEU A 56 -26.18 5.10 16.30
N VAL A 57 -26.53 3.95 16.82
CA VAL A 57 -25.78 2.71 16.59
C VAL A 57 -26.62 1.82 15.66
N LEU A 58 -26.04 1.52 14.50
CA LEU A 58 -26.72 0.76 13.47
C LEU A 58 -26.16 -0.66 13.56
N CYS A 59 -27.00 -1.61 13.95
CA CYS A 59 -26.54 -2.97 14.20
C CYS A 59 -27.15 -3.99 13.24
N GLY A 60 -26.29 -4.72 12.56
CA GLY A 60 -26.74 -5.91 11.79
C GLY A 60 -26.95 -7.07 12.76
N GLY A 61 -27.45 -8.17 12.19
CA GLY A 61 -27.69 -9.39 12.92
C GLY A 61 -26.50 -10.26 13.21
N GLY A 62 -25.33 -9.92 12.65
CA GLY A 62 -24.11 -10.70 12.88
C GLY A 62 -23.26 -10.29 14.06
N ASN A 63 -22.01 -10.75 14.08
CA ASN A 63 -21.10 -10.37 15.16
C ASN A 63 -20.58 -8.93 15.06
N ASN A 64 -20.62 -8.35 13.87
CA ASN A 64 -20.34 -6.93 13.76
C ASN A 64 -21.40 -6.21 14.61
N GLY A 65 -22.66 -6.57 14.38
CA GLY A 65 -23.74 -5.97 15.13
C GLY A 65 -23.61 -6.21 16.62
N GLY A 66 -23.14 -7.42 16.99
CA GLY A 66 -22.91 -7.75 18.39
C GLY A 66 -21.87 -6.80 19.00
N ASP A 67 -20.79 -6.54 18.27
CA ASP A 67 -19.82 -5.53 18.68
C ASP A 67 -20.53 -4.18 18.91
N GLY A 68 -21.44 -3.86 18.02
CA GLY A 68 -22.18 -2.61 18.09
C GLY A 68 -23.04 -2.54 19.35
N PHE A 69 -23.70 -3.63 19.73
CA PHE A 69 -24.48 -3.67 20.95
C PHE A 69 -23.62 -3.44 22.21
N VAL A 70 -22.37 -3.93 22.16
CA VAL A 70 -21.43 -3.70 23.28
C VAL A 70 -21.11 -2.21 23.35
N VAL A 71 -20.84 -1.60 22.19
CA VAL A 71 -20.65 -0.15 22.12
C VAL A 71 -21.82 0.59 22.74
N ALA A 72 -23.02 0.27 22.27
CA ALA A 72 -24.21 0.95 22.75
C ALA A 72 -24.39 0.76 24.22
N ARG A 73 -24.25 -0.45 24.71
CA ARG A 73 -24.48 -0.69 26.13
C ARG A 73 -23.49 0.09 26.97
N ASN A 74 -22.24 0.12 26.54
CA ASN A 74 -21.18 0.85 27.27
C ASN A 74 -21.31 2.38 27.28
N LEU A 75 -22.04 2.96 26.30
CA LEU A 75 -22.37 4.39 26.30
C LEU A 75 -23.60 4.74 27.17
N LEU A 76 -24.47 3.76 27.45
CA LEU A 76 -25.62 4.00 28.31
C LEU A 76 -25.26 4.70 29.64
N GLY A 77 -25.97 5.77 29.94
CA GLY A 77 -25.77 6.48 31.17
C GLY A 77 -24.63 7.46 31.14
N VAL A 78 -23.78 7.38 30.13
CA VAL A 78 -22.58 8.19 30.12
C VAL A 78 -22.60 9.27 29.04
N VAL A 79 -23.44 9.11 28.02
CA VAL A 79 -23.59 10.09 26.96
C VAL A 79 -25.01 10.63 27.01
N LYS A 80 -25.29 11.62 26.18
CA LYS A 80 -26.58 12.28 26.18
C LYS A 80 -27.73 11.41 25.69
N ASP A 81 -27.49 10.59 24.70
CA ASP A 81 -28.52 9.72 24.18
C ASP A 81 -27.85 8.63 23.34
N VAL A 82 -28.33 7.39 23.50
CA VAL A 82 -28.00 6.28 22.59
C VAL A 82 -29.29 5.72 22.05
N LEU A 83 -29.30 5.37 20.77
CA LEU A 83 -30.37 4.56 20.19
C LEU A 83 -29.74 3.54 19.27
N VAL A 84 -30.24 2.31 19.33
CA VAL A 84 -29.81 1.30 18.38
C VAL A 84 -30.92 1.13 17.36
N VAL A 85 -30.56 1.10 16.08
CA VAL A 85 -31.43 0.63 15.02
C VAL A 85 -30.93 -0.76 14.65
N PHE A 86 -31.73 -1.77 14.97
CA PHE A 86 -31.39 -3.13 14.65
C PHE A 86 -31.99 -3.44 13.28
N LEU A 87 -31.13 -3.76 12.32
CA LEU A 87 -31.54 -3.87 10.93
C LEU A 87 -31.54 -5.30 10.46
N GLY A 88 -31.08 -6.23 11.29
CA GLY A 88 -31.00 -7.63 10.91
C GLY A 88 -32.34 -8.32 11.03
N LYS A 89 -32.38 -9.58 10.62
CA LYS A 89 -33.54 -10.40 10.88
C LYS A 89 -33.21 -11.18 12.13
N LYS A 90 -32.27 -12.12 12.03
CA LYS A 90 -31.90 -12.96 13.19
C LYS A 90 -30.55 -12.51 13.76
N LYS A 91 -30.22 -13.02 14.93
CA LYS A 91 -29.03 -12.64 15.63
C LYS A 91 -28.16 -13.85 15.93
N THR A 92 -26.85 -13.75 15.74
CA THR A 92 -25.93 -14.78 16.21
C THR A 92 -25.97 -14.83 17.75
N PRO A 93 -25.48 -15.93 18.34
CA PRO A 93 -25.50 -16.09 19.81
C PRO A 93 -24.90 -14.89 20.52
N ASP A 94 -23.75 -14.41 20.07
CA ASP A 94 -23.09 -13.31 20.79
C ASP A 94 -23.81 -11.99 20.54
N CYS A 95 -24.36 -11.79 19.33
CA CYS A 95 -25.17 -10.61 19.09
C CYS A 95 -26.42 -10.59 19.97
N GLU A 96 -27.10 -11.75 20.03
CA GLU A 96 -28.29 -11.90 20.85
C GLU A 96 -27.96 -11.64 22.34
N TYR A 97 -26.84 -12.19 22.81
CA TYR A 97 -26.42 -12.05 24.20
C TYR A 97 -26.22 -10.57 24.52
N ASN A 98 -25.56 -9.87 23.61
CA ASN A 98 -25.25 -8.46 23.84
C ASN A 98 -26.38 -7.47 23.61
N TYR A 99 -27.28 -7.81 22.70
CA TYR A 99 -28.61 -7.21 22.59
C TYR A 99 -29.35 -7.36 23.89
N GLY A 100 -29.39 -8.59 24.41
CA GLY A 100 -29.95 -8.86 25.74
C GLY A 100 -29.39 -7.99 26.84
N LEU A 101 -28.08 -7.77 26.84
CA LEU A 101 -27.48 -6.90 27.87
C LEU A 101 -27.88 -5.43 27.70
N TYR A 102 -27.81 -4.99 26.46
CA TYR A 102 -28.15 -3.62 26.12
C TYR A 102 -29.54 -3.39 26.67
N LYS A 103 -30.46 -4.29 26.37
CA LYS A 103 -31.83 -4.08 26.84
C LYS A 103 -31.97 -4.18 28.36
N LYS A 104 -31.24 -5.09 29.03
CA LYS A 104 -31.38 -5.15 30.52
C LYS A 104 -30.79 -3.87 31.11
N PHE A 105 -29.79 -3.27 30.43
CA PHE A 105 -29.17 -2.02 30.90
C PHE A 105 -30.06 -0.78 30.77
N GLY A 106 -31.18 -0.91 30.05
CA GLY A 106 -32.17 0.19 29.84
C GLY A 106 -32.06 0.78 28.43
N GLY A 107 -31.49 0.02 27.50
CA GLY A 107 -31.27 0.52 26.12
C GLY A 107 -32.52 0.51 25.27
N LYS A 108 -32.61 1.48 24.34
CA LYS A 108 -33.75 1.54 23.41
C LYS A 108 -33.26 0.99 22.07
N VAL A 109 -33.97 -0.01 21.56
CA VAL A 109 -33.76 -0.50 20.21
C VAL A 109 -34.97 -0.18 19.39
N VAL A 110 -34.78 0.12 18.12
CA VAL A 110 -35.92 0.10 17.18
C VAL A 110 -35.47 -0.70 15.98
N GLU A 111 -36.45 -1.23 15.24
CA GLU A 111 -36.17 -2.04 14.05
C GLU A 111 -36.63 -1.39 12.77
N GLN A 112 -37.10 -0.17 12.86
CA GLN A 112 -37.43 0.62 11.70
C GLN A 112 -36.83 1.99 11.86
N PHE A 113 -36.64 2.70 10.76
CA PHE A 113 -36.17 4.07 10.81
C PHE A 113 -36.82 4.90 9.73
N GLU A 114 -36.84 6.20 9.99
CA GLU A 114 -37.36 7.18 9.05
C GLU A 114 -36.14 7.94 8.56
N PRO A 115 -36.13 8.38 7.29
CA PRO A 115 -35.01 9.19 6.82
C PRO A 115 -34.59 10.26 7.82
N SER A 116 -35.56 10.83 8.52
CA SER A 116 -35.31 11.87 9.52
C SER A 116 -34.61 11.41 10.79
N ILE A 117 -34.40 10.11 11.01
CA ILE A 117 -33.82 9.67 12.29
C ILE A 117 -32.43 10.26 12.56
N LEU A 118 -31.65 10.48 11.52
CA LEU A 118 -30.34 11.11 11.67
C LEU A 118 -30.43 12.49 12.30
N ASN A 119 -31.57 13.16 12.17
CA ASN A 119 -31.79 14.48 12.77
C ASN A 119 -31.32 14.60 14.19
N GLU A 120 -31.85 13.77 15.08
CA GLU A 120 -31.57 13.92 16.53
C GLU A 120 -30.28 13.26 17.03
N PHE A 121 -29.32 13.01 16.15
CA PHE A 121 -28.06 12.39 16.58
C PHE A 121 -26.84 13.06 15.97
N ASP A 122 -25.72 12.93 16.67
CA ASP A 122 -24.49 13.59 16.29
C ASP A 122 -23.48 12.60 15.73
N VAL A 123 -23.48 11.38 16.28
CA VAL A 123 -22.53 10.36 15.87
C VAL A 123 -23.29 9.12 15.46
N VAL A 124 -22.91 8.56 14.31
CA VAL A 124 -23.39 7.27 13.83
C VAL A 124 -22.29 6.21 14.01
N VAL A 125 -22.61 5.15 14.74
CA VAL A 125 -21.73 4.01 14.90
C VAL A 125 -22.23 2.95 13.93
N ASP A 126 -21.39 2.55 13.00
CA ASP A 126 -21.78 1.67 11.88
C ASP A 126 -21.31 0.26 12.20
N ALA A 127 -22.24 -0.54 12.72
CA ALA A 127 -22.01 -1.92 13.07
C ALA A 127 -22.94 -2.83 12.25
N ILE A 128 -23.19 -2.45 11.00
CA ILE A 128 -24.11 -3.21 10.17
C ILE A 128 -23.40 -4.46 9.64
N PHE A 129 -22.36 -4.30 8.83
CA PHE A 129 -21.58 -5.45 8.34
C PHE A 129 -20.09 -5.26 8.54
N GLY A 130 -19.41 -6.34 8.91
CA GLY A 130 -17.96 -6.33 9.01
C GLY A 130 -17.38 -7.30 8.01
N THR A 131 -16.58 -8.24 8.48
CA THR A 131 -15.92 -9.19 7.59
C THR A 131 -16.92 -10.23 7.04
N GLY A 132 -18.15 -10.22 7.55
CA GLY A 132 -19.17 -11.19 7.15
C GLY A 132 -19.95 -10.73 5.94
N LEU A 133 -19.62 -9.55 5.41
CA LEU A 133 -20.28 -9.05 4.23
C LEU A 133 -20.18 -10.07 3.10
N ARG A 134 -21.30 -10.42 2.46
CA ARG A 134 -21.31 -11.27 1.27
C ARG A 134 -22.29 -10.71 0.23
N GLY A 135 -21.78 -10.42 -0.95
CA GLY A 135 -22.61 -9.92 -2.01
C GLY A 135 -22.99 -8.47 -1.81
N GLU A 136 -23.60 -7.93 -2.86
CA GLU A 136 -24.03 -6.54 -2.93
C GLU A 136 -25.01 -6.15 -1.82
N ILE A 137 -24.90 -4.92 -1.32
CA ILE A 137 -25.85 -4.37 -0.35
C ILE A 137 -27.05 -3.72 -1.09
N THR A 138 -28.26 -4.10 -0.71
CA THR A 138 -29.51 -3.56 -1.29
C THR A 138 -30.56 -3.29 -0.21
N GLY A 139 -31.75 -2.85 -0.63
CA GLY A 139 -32.91 -2.72 0.27
C GLY A 139 -32.69 -1.73 1.40
N GLU A 140 -33.33 -1.94 2.54
CA GLU A 140 -33.12 -1.10 3.72
C GLU A 140 -31.65 -0.92 4.07
N TYR A 141 -30.85 -1.95 3.85
CA TYR A 141 -29.43 -1.84 4.20
C TYR A 141 -28.83 -0.70 3.37
N ALA A 142 -29.06 -0.72 2.07
CA ALA A 142 -28.50 0.28 1.17
C ALA A 142 -29.02 1.68 1.51
N GLU A 143 -30.32 1.77 1.80
CA GLU A 143 -30.95 3.07 2.01
C GLU A 143 -30.46 3.71 3.28
N ILE A 144 -30.32 2.95 4.38
CA ILE A 144 -29.77 3.57 5.58
C ILE A 144 -28.31 4.01 5.33
N ILE A 145 -27.53 3.21 4.59
CA ILE A 145 -26.14 3.58 4.29
C ILE A 145 -26.06 4.85 3.43
N ASN A 146 -26.95 5.00 2.46
CA ASN A 146 -26.99 6.22 1.65
C ASN A 146 -27.46 7.46 2.48
N LEU A 147 -28.43 7.26 3.38
CA LEU A 147 -28.83 8.30 4.34
C LEU A 147 -27.68 8.72 5.26
N VAL A 148 -26.99 7.76 5.89
CA VAL A 148 -25.81 8.07 6.69
C VAL A 148 -24.81 8.90 5.88
N ASN A 149 -24.46 8.41 4.69
CA ASN A 149 -23.54 9.14 3.80
C ASN A 149 -23.98 10.54 3.38
N LYS A 150 -25.27 10.85 3.41
CA LYS A 150 -25.72 12.21 3.10
C LYS A 150 -25.86 13.08 4.35
N SER A 151 -25.63 12.54 5.53
CA SER A 151 -26.11 13.19 6.74
C SER A 151 -25.14 14.23 7.30
N GLY A 152 -23.87 14.14 6.89
CA GLY A 152 -22.82 14.97 7.45
C GLY A 152 -22.54 14.74 8.93
N LYS A 153 -23.02 13.65 9.48
CA LYS A 153 -22.70 13.32 10.85
C LYS A 153 -21.34 12.65 10.92
N VAL A 154 -20.77 12.62 12.10
CA VAL A 154 -19.54 11.89 12.39
C VAL A 154 -19.80 10.39 12.33
N VAL A 155 -19.02 9.69 11.51
CA VAL A 155 -19.24 8.26 11.29
C VAL A 155 -18.07 7.41 11.78
N VAL A 156 -18.40 6.45 12.63
CA VAL A 156 -17.43 5.57 13.22
C VAL A 156 -17.85 4.15 12.86
N SER A 157 -17.02 3.49 12.06
CA SER A 157 -17.27 2.17 11.59
C SER A 157 -16.59 1.10 12.46
N VAL A 158 -17.36 0.08 12.80
CA VAL A 158 -16.89 -1.02 13.60
C VAL A 158 -16.25 -2.04 12.63
N ASP A 159 -14.95 -2.27 12.78
CA ASP A 159 -14.13 -3.24 12.03
C ASP A 159 -13.77 -2.84 10.58
N VAL A 160 -14.76 -2.74 9.73
CA VAL A 160 -14.60 -2.25 8.37
C VAL A 160 -15.85 -1.42 8.01
N PRO A 161 -15.70 -0.33 7.25
CA PRO A 161 -16.93 0.36 6.88
C PRO A 161 -17.89 -0.61 6.15
N SER A 162 -19.16 -0.66 6.57
CA SER A 162 -20.11 -1.63 5.99
C SER A 162 -20.25 -1.44 4.50
N GLY A 163 -20.05 -2.52 3.76
CA GLY A 163 -20.06 -2.43 2.33
C GLY A 163 -18.70 -2.52 1.67
N ILE A 164 -17.63 -2.42 2.43
CA ILE A 164 -16.30 -2.74 1.88
C ILE A 164 -16.00 -4.23 2.03
N ASP A 165 -15.59 -4.88 0.95
CA ASP A 165 -15.14 -6.28 1.05
C ASP A 165 -13.79 -6.25 1.69
N SER A 166 -13.65 -6.89 2.84
CA SER A 166 -12.44 -6.73 3.62
C SER A 166 -11.22 -7.47 3.05
N ASN A 167 -11.41 -8.32 2.05
CA ASN A 167 -10.30 -9.01 1.39
C ASN A 167 -9.78 -8.29 0.16
N THR A 168 -10.57 -7.35 -0.38
CA THR A 168 -10.18 -6.70 -1.64
C THR A 168 -10.19 -5.15 -1.56
N GLY A 169 -10.96 -4.56 -0.66
CA GLY A 169 -11.17 -3.11 -0.67
C GLY A 169 -12.24 -2.60 -1.64
N LYS A 170 -12.89 -3.50 -2.34
CA LYS A 170 -13.96 -3.14 -3.27
C LYS A 170 -15.27 -2.78 -2.56
N VAL A 171 -16.02 -1.90 -3.20
CA VAL A 171 -17.32 -1.49 -2.68
C VAL A 171 -18.39 -2.41 -3.26
N LEU A 172 -19.14 -3.10 -2.40
CA LEU A 172 -20.19 -4.01 -2.85
C LEU A 172 -21.53 -3.26 -2.95
N ARG A 173 -21.67 -2.58 -4.11
CA ARG A 173 -22.79 -1.69 -4.47
C ARG A 173 -22.80 -0.35 -3.75
N THR A 174 -22.86 -0.38 -2.43
CA THR A 174 -22.68 0.85 -1.71
C THR A 174 -21.97 0.57 -0.40
N ALA A 175 -21.36 1.61 0.19
CA ALA A 175 -20.58 1.46 1.42
C ALA A 175 -20.56 2.71 2.23
N VAL A 176 -20.39 2.54 3.52
CA VAL A 176 -20.31 3.61 4.46
C VAL A 176 -19.03 4.40 4.28
N LYS A 177 -19.13 5.71 4.30
CA LYS A 177 -17.94 6.51 4.35
C LYS A 177 -17.69 6.95 5.80
N ALA A 178 -16.65 6.44 6.42
CA ALA A 178 -16.36 6.67 7.87
C ALA A 178 -15.33 7.77 8.12
N ASP A 179 -15.47 8.49 9.22
CA ASP A 179 -14.40 9.39 9.72
C ASP A 179 -13.33 8.61 10.47
N LEU A 180 -13.77 7.54 11.14
CA LEU A 180 -12.93 6.73 12.00
C LEU A 180 -13.38 5.27 11.84
N THR A 181 -12.44 4.35 11.63
CA THR A 181 -12.74 2.92 11.59
C THR A 181 -11.88 2.31 12.65
N VAL A 182 -12.48 1.50 13.50
CA VAL A 182 -11.73 0.75 14.50
C VAL A 182 -11.75 -0.69 14.13
N THR A 183 -10.59 -1.25 13.84
CA THR A 183 -10.50 -2.66 13.43
C THR A 183 -9.78 -3.49 14.51
N PHE A 184 -9.94 -4.81 14.48
CA PHE A 184 -9.51 -5.63 15.62
C PHE A 184 -8.36 -6.56 15.28
N GLY A 185 -7.30 -6.54 16.08
CA GLY A 185 -6.16 -7.44 15.78
C GLY A 185 -5.20 -6.89 14.74
N VAL A 186 -5.63 -6.87 13.49
CA VAL A 186 -4.79 -6.45 12.37
C VAL A 186 -5.63 -5.66 11.36
N PRO A 187 -5.01 -4.74 10.62
CA PRO A 187 -5.71 -4.10 9.50
C PRO A 187 -6.09 -5.15 8.48
N LYS A 188 -7.19 -4.95 7.78
CA LYS A 188 -7.62 -5.87 6.76
C LYS A 188 -7.20 -5.30 5.41
N ILE A 189 -7.10 -6.17 4.43
CA ILE A 189 -6.68 -5.74 3.12
C ILE A 189 -7.58 -4.61 2.61
N GLY A 190 -8.86 -4.64 2.97
CA GLY A 190 -9.84 -3.63 2.51
C GLY A 190 -9.75 -2.23 3.12
N HIS A 191 -8.99 -2.07 4.18
CA HIS A 191 -8.62 -0.77 4.68
C HIS A 191 -7.39 -0.24 3.94
N ILE A 192 -6.66 -1.11 3.23
CA ILE A 192 -5.35 -0.79 2.66
C ILE A 192 -5.44 -0.47 1.15
N LEU A 193 -6.32 -1.21 0.45
CA LEU A 193 -6.54 -1.01 -0.94
C LEU A 193 -7.74 -0.12 -1.16
N PHE A 194 -7.69 0.63 -2.24
CA PHE A 194 -8.76 1.58 -2.60
C PHE A 194 -9.77 0.81 -3.41
N PRO A 195 -11.05 1.22 -3.39
CA PRO A 195 -11.57 2.41 -2.69
C PRO A 195 -11.68 2.25 -1.16
N GLY A 196 -11.55 1.04 -0.66
CA GLY A 196 -11.76 0.79 0.76
C GLY A 196 -10.91 1.69 1.64
N ARG A 197 -9.68 1.93 1.23
CA ARG A 197 -8.79 2.76 2.03
C ARG A 197 -9.37 4.15 2.17
N ASP A 198 -10.01 4.64 1.12
CA ASP A 198 -10.60 5.97 1.21
C ASP A 198 -11.79 6.01 2.17
N LEU A 199 -12.64 5.00 2.14
CA LEU A 199 -13.85 5.01 2.96
C LEU A 199 -13.60 4.75 4.47
N THR A 200 -12.42 4.23 4.80
CA THR A 200 -12.03 3.83 6.13
C THR A 200 -11.81 5.05 7.00
N GLY A 201 -11.42 6.18 6.36
CA GLY A 201 -11.02 7.36 7.08
C GLY A 201 -9.83 7.02 7.94
N LYS A 202 -9.79 7.57 9.16
CA LYS A 202 -8.68 7.27 10.08
C LYS A 202 -8.82 5.88 10.68
N LEU A 203 -7.77 5.07 10.57
CA LEU A 203 -7.82 3.68 11.00
C LEU A 203 -7.13 3.53 12.31
N LYS A 204 -7.84 3.00 13.31
CA LYS A 204 -7.18 2.51 14.52
C LYS A 204 -7.27 1.00 14.61
N VAL A 205 -6.14 0.36 14.91
CA VAL A 205 -6.07 -1.09 15.06
C VAL A 205 -5.99 -1.41 16.56
N ALA A 206 -7.04 -2.06 17.07
CA ALA A 206 -7.19 -2.37 18.50
C ALA A 206 -6.76 -3.78 18.81
N ASN A 207 -6.03 -3.91 19.92
CA ASN A 207 -5.69 -5.19 20.49
C ASN A 207 -6.89 -5.66 21.31
N ILE A 208 -7.51 -6.76 20.92
CA ILE A 208 -8.66 -7.26 21.67
C ILE A 208 -8.39 -8.56 22.39
N GLY A 209 -7.13 -8.97 22.42
CA GLY A 209 -6.71 -10.06 23.32
C GLY A 209 -6.23 -11.31 22.63
N HIS A 210 -6.10 -11.28 21.30
CA HIS A 210 -5.45 -12.40 20.58
C HIS A 210 -3.99 -12.64 21.01
N PRO A 211 -3.58 -13.91 21.09
CA PRO A 211 -2.17 -14.12 21.38
C PRO A 211 -1.30 -13.39 20.36
N VAL A 212 -0.25 -12.72 20.83
CA VAL A 212 0.54 -11.88 19.93
C VAL A 212 1.18 -12.69 18.79
N HIS A 213 1.55 -13.93 19.10
CA HIS A 213 2.08 -14.89 18.15
C HIS A 213 1.13 -15.10 16.98
N LEU A 214 -0.18 -15.13 17.23
CA LEU A 214 -1.09 -15.28 16.11
C LEU A 214 -1.14 -14.00 15.25
N ILE A 215 -1.19 -12.84 15.89
CA ILE A 215 -1.22 -11.57 15.18
C ILE A 215 0.02 -11.39 14.33
N ASN A 216 1.18 -11.77 14.87
CA ASN A 216 2.47 -11.64 14.18
C ASN A 216 2.69 -12.61 13.02
N SER A 217 1.84 -13.63 12.92
CA SER A 217 2.00 -14.66 11.91
C SER A 217 1.34 -14.27 10.59
N ILE A 218 0.64 -13.13 10.54
CA ILE A 218 -0.09 -12.73 9.33
C ILE A 218 0.91 -12.47 8.21
N ASN A 219 0.65 -13.01 7.01
CA ASN A 219 1.68 -13.01 5.97
C ASN A 219 1.67 -11.85 4.98
N ARG A 220 0.77 -10.89 5.17
CA ARG A 220 0.65 -9.74 4.28
C ARG A 220 0.61 -8.44 5.08
N TYR A 221 1.67 -7.64 5.03
CA TYR A 221 1.83 -6.53 6.00
C TYR A 221 1.80 -5.17 5.33
N VAL A 222 1.42 -4.16 6.12
CA VAL A 222 1.68 -2.78 5.79
C VAL A 222 3.15 -2.44 6.07
N ILE A 223 3.81 -1.75 5.13
CA ILE A 223 5.20 -1.29 5.36
C ILE A 223 5.20 -0.12 6.34
N THR A 224 5.83 -0.28 7.50
CA THR A 224 5.86 0.79 8.50
C THR A 224 7.21 1.45 8.63
N ARG A 225 7.18 2.58 9.32
CA ARG A 225 8.36 3.34 9.54
C ARG A 225 9.41 2.48 10.28
N GLU A 226 8.98 1.63 11.21
CA GLU A 226 9.92 0.88 12.02
C GLU A 226 10.59 -0.20 11.17
N MET A 227 9.81 -0.86 10.35
CA MET A 227 10.36 -1.82 9.41
C MET A 227 11.41 -1.19 8.47
N VAL A 228 11.13 -0.01 7.96
CA VAL A 228 12.02 0.63 7.00
C VAL A 228 13.26 1.08 7.74
N ARG A 229 13.07 1.58 8.96
CA ARG A 229 14.18 2.02 9.76
C ARG A 229 15.18 0.90 10.01
N SER A 230 14.69 -0.27 10.38
CA SER A 230 15.61 -1.36 10.66
C SER A 230 16.22 -1.98 9.40
N LEU A 231 15.69 -1.68 8.22
CA LEU A 231 16.29 -2.13 6.93
C LEU A 231 17.32 -1.18 6.33
N LEU A 232 17.29 0.08 6.71
CA LEU A 232 18.22 1.06 6.12
C LEU A 232 19.65 0.58 6.36
N PRO A 233 20.46 0.49 5.32
CA PRO A 233 21.81 0.00 5.63
C PRO A 233 22.69 0.91 6.47
N GLU A 234 23.67 0.29 7.11
CA GLU A 234 24.61 1.00 7.95
C GLU A 234 25.58 1.84 7.13
N ARG A 235 26.06 2.92 7.74
CA ARG A 235 27.06 3.80 7.13
C ARG A 235 28.29 3.79 8.04
N PRO A 236 29.13 2.76 7.96
CA PRO A 236 30.28 2.78 8.85
C PRO A 236 31.24 3.87 8.42
N ARG A 237 31.85 4.49 9.42
CA ARG A 237 32.66 5.65 9.17
C ARG A 237 33.85 5.38 8.28
N ASP A 238 34.46 4.21 8.44
CA ASP A 238 35.62 3.89 7.61
C ASP A 238 35.13 3.28 6.30
N SER A 239 34.68 4.10 5.39
CA SER A 239 34.04 3.59 4.19
C SER A 239 34.49 4.48 3.04
N HIS A 240 34.13 4.06 1.83
CA HIS A 240 34.44 4.85 0.64
C HIS A 240 33.37 4.46 -0.37
N LYS A 241 33.41 5.06 -1.54
CA LYS A 241 32.27 4.91 -2.39
C LYS A 241 31.99 3.47 -2.77
N GLY A 242 33.04 2.69 -2.92
CA GLY A 242 32.90 1.27 -3.19
C GLY A 242 32.11 0.55 -2.12
N THR A 243 32.21 0.97 -0.85
CA THR A 243 31.35 0.42 0.23
C THR A 243 29.86 0.43 -0.11
N TYR A 244 29.44 1.47 -0.84
CA TYR A 244 28.05 1.79 -1.08
C TYR A 244 27.58 1.39 -2.48
N GLY A 245 28.35 0.56 -3.18
CA GLY A 245 27.92 -0.01 -4.46
C GLY A 245 27.95 0.92 -5.66
N LYS A 246 27.79 0.28 -6.81
CA LYS A 246 27.78 0.89 -8.11
C LYS A 246 26.55 0.40 -8.88
N VAL A 247 25.87 1.34 -9.52
CA VAL A 247 24.71 1.12 -10.34
C VAL A 247 25.03 1.53 -11.78
N LEU A 248 24.54 0.74 -12.74
CA LEU A 248 24.47 1.14 -14.14
C LEU A 248 23.00 1.30 -14.49
N ILE A 249 22.65 2.41 -15.09
CA ILE A 249 21.34 2.69 -15.60
C ILE A 249 21.41 2.75 -17.12
N ILE A 250 20.69 1.85 -17.76
CA ILE A 250 20.58 1.80 -19.22
C ILE A 250 19.18 2.37 -19.54
N ALA A 251 19.15 3.55 -20.16
CA ALA A 251 17.92 4.33 -20.22
C ALA A 251 18.05 5.45 -21.27
N GLY A 252 16.90 5.97 -21.67
CA GLY A 252 16.83 7.12 -22.56
C GLY A 252 16.86 6.78 -24.02
N SER A 253 16.61 7.82 -24.81
CA SER A 253 16.49 7.74 -26.25
C SER A 253 16.44 9.17 -26.70
N ARG A 254 16.42 9.37 -28.00
CA ARG A 254 16.28 10.72 -28.54
C ARG A 254 14.90 11.32 -28.15
N LEU A 255 13.88 10.48 -27.94
CA LEU A 255 12.56 11.00 -27.55
C LEU A 255 12.51 11.33 -26.07
N TYR A 256 13.19 10.56 -25.22
CA TYR A 256 13.04 10.61 -23.74
C TYR A 256 14.39 10.81 -23.12
N SER A 257 14.87 12.05 -23.11
CA SER A 257 16.22 12.34 -22.63
C SER A 257 16.24 12.58 -21.14
N GLY A 258 15.08 12.84 -20.52
CA GLY A 258 15.03 13.17 -19.10
C GLY A 258 15.07 11.98 -18.14
N ALA A 259 14.46 10.88 -18.54
CA ALA A 259 14.33 9.73 -17.65
C ALA A 259 15.66 9.27 -16.98
N PRO A 260 16.77 9.19 -17.75
CA PRO A 260 18.03 8.73 -17.16
C PRO A 260 18.56 9.53 -15.96
N VAL A 261 18.32 10.84 -16.02
CA VAL A 261 18.79 11.79 -15.04
C VAL A 261 18.02 11.56 -13.73
N LEU A 262 16.70 11.36 -13.85
CA LEU A 262 15.86 11.15 -12.69
C LEU A 262 16.18 9.81 -12.01
N SER A 263 16.37 8.77 -12.80
CA SER A 263 16.77 7.46 -12.27
C SER A 263 18.14 7.48 -11.60
N GLY A 264 19.13 8.04 -12.28
CA GLY A 264 20.47 8.21 -11.74
C GLY A 264 20.53 8.98 -10.42
N MET A 265 19.89 10.14 -10.33
CA MET A 265 19.86 10.86 -9.07
C MET A 265 19.08 10.12 -7.98
N GLY A 266 18.06 9.37 -8.38
CA GLY A 266 17.36 8.55 -7.42
C GLY A 266 18.30 7.58 -6.71
N SER A 267 19.18 6.96 -7.47
CA SER A 267 20.22 6.12 -6.88
C SER A 267 21.17 6.91 -6.00
N LEU A 268 21.63 8.07 -6.45
CA LEU A 268 22.57 8.85 -5.62
C LEU A 268 21.96 9.36 -4.34
N LYS A 269 20.72 9.83 -4.40
CA LYS A 269 20.12 10.42 -3.19
C LYS A 269 19.83 9.39 -2.09
N VAL A 270 19.82 8.09 -2.38
CA VAL A 270 19.57 7.06 -1.34
C VAL A 270 20.92 6.51 -0.80
N GLY A 271 22.04 7.02 -1.33
CA GLY A 271 23.37 6.77 -0.73
C GLY A 271 24.28 5.85 -1.50
N THR A 272 23.93 5.59 -2.75
CA THR A 272 24.77 4.76 -3.64
C THR A 272 26.11 5.42 -3.93
N GLY A 273 27.16 4.64 -4.04
CA GLY A 273 28.48 5.22 -4.17
C GLY A 273 28.82 5.75 -5.55
N LEU A 274 28.46 5.01 -6.57
CA LEU A 274 28.81 5.41 -7.92
C LEU A 274 27.64 5.06 -8.82
N VAL A 275 27.24 6.00 -9.67
CA VAL A 275 26.18 5.76 -10.60
C VAL A 275 26.58 6.15 -12.01
N LYS A 276 26.40 5.22 -12.95
CA LYS A 276 26.74 5.39 -14.35
C LYS A 276 25.50 5.26 -15.17
N LEU A 277 25.27 6.16 -16.11
CA LEU A 277 24.19 6.06 -17.07
C LEU A 277 24.78 5.66 -18.42
N ALA A 278 24.04 4.83 -19.18
CA ALA A 278 24.32 4.59 -20.59
C ALA A 278 23.09 5.11 -21.33
N VAL A 279 23.30 6.15 -22.12
CA VAL A 279 22.27 6.91 -22.77
C VAL A 279 22.77 7.23 -24.20
N PRO A 280 21.88 7.13 -25.21
CA PRO A 280 22.29 7.51 -26.56
C PRO A 280 22.82 8.93 -26.65
N PHE A 281 23.91 9.08 -27.40
CA PHE A 281 24.51 10.37 -27.70
C PHE A 281 23.61 11.15 -28.64
N PRO A 282 23.45 12.49 -28.45
CA PRO A 282 24.03 13.38 -27.44
C PRO A 282 23.16 13.54 -26.21
N GLN A 283 22.11 12.73 -26.09
CA GLN A 283 21.17 12.91 -24.97
C GLN A 283 21.86 12.64 -23.64
N ASN A 284 22.95 11.87 -23.67
CA ASN A 284 23.72 11.63 -22.43
C ASN A 284 24.25 12.93 -21.78
N LEU A 285 24.53 13.94 -22.59
CA LEU A 285 25.12 15.20 -22.07
C LEU A 285 24.15 15.99 -21.19
N ILE A 286 22.86 15.68 -21.36
CA ILE A 286 21.79 16.29 -20.59
C ILE A 286 21.96 16.03 -19.10
N ALA A 287 22.42 14.84 -18.75
CA ALA A 287 22.46 14.42 -17.35
C ALA A 287 23.52 15.20 -16.57
N THR A 288 24.70 15.32 -17.15
CA THR A 288 25.79 15.95 -16.47
C THR A 288 25.67 17.46 -16.51
N SER A 289 24.92 18.02 -17.46
CA SER A 289 24.66 19.44 -17.40
C SER A 289 23.77 19.76 -16.19
N ARG A 290 22.94 18.83 -15.78
CA ARG A 290 22.05 19.05 -14.64
C ARG A 290 22.74 18.65 -13.31
N PHE A 291 23.29 17.45 -13.29
CA PHE A 291 24.00 16.92 -12.17
C PHE A 291 25.36 16.35 -12.60
N PRO A 292 26.42 17.13 -12.41
CA PRO A 292 27.75 16.72 -12.85
C PRO A 292 28.34 15.61 -12.00
N GLU A 293 27.70 15.26 -10.88
CA GLU A 293 28.05 14.08 -10.08
C GLU A 293 27.85 12.79 -10.85
N LEU A 294 26.90 12.78 -11.76
CA LEU A 294 26.58 11.57 -12.53
C LEU A 294 27.66 11.30 -13.57
N ILE A 295 27.86 10.04 -13.90
CA ILE A 295 28.68 9.67 -15.05
C ILE A 295 27.66 9.33 -16.11
N SER A 296 27.79 9.90 -17.30
CA SER A 296 26.80 9.63 -18.33
C SER A 296 27.50 9.28 -19.63
N VAL A 297 27.55 7.97 -19.87
CA VAL A 297 28.33 7.41 -20.93
C VAL A 297 27.56 7.55 -22.24
N PRO A 298 28.20 8.08 -23.29
CA PRO A 298 27.50 8.25 -24.55
C PRO A 298 27.45 6.92 -25.29
N ILE A 299 26.27 6.50 -25.74
CA ILE A 299 26.19 5.29 -26.54
C ILE A 299 25.90 5.71 -28.01
N ASP A 300 26.70 5.23 -28.96
CA ASP A 300 26.48 5.54 -30.36
C ASP A 300 25.36 4.65 -30.87
N THR A 301 24.29 5.23 -31.36
CA THR A 301 23.13 4.48 -31.83
C THR A 301 22.89 4.93 -33.26
N GLU A 302 22.23 4.09 -34.05
CA GLU A 302 21.92 4.45 -35.44
C GLU A 302 20.90 5.59 -35.56
N LYS A 303 19.80 5.47 -34.81
CA LYS A 303 18.62 6.34 -34.89
C LYS A 303 18.18 6.93 -33.55
N GLY A 304 18.99 6.80 -32.50
CA GLY A 304 18.66 7.43 -31.22
C GLY A 304 18.04 6.48 -30.24
N PHE A 305 18.02 5.19 -30.59
CA PHE A 305 17.49 4.16 -29.70
C PHE A 305 18.52 3.04 -29.57
N PHE A 306 18.65 2.51 -28.33
CA PHE A 306 19.39 1.26 -28.12
C PHE A 306 18.94 0.16 -29.07
N SER A 307 19.91 -0.63 -29.53
CA SER A 307 19.69 -1.80 -30.40
C SER A 307 20.75 -2.88 -30.13
N LEU A 308 20.63 -4.02 -30.82
CA LEU A 308 21.61 -5.07 -30.67
C LEU A 308 23.04 -4.59 -30.88
N GLN A 309 23.23 -3.58 -31.72
CA GLN A 309 24.57 -3.03 -31.96
C GLN A 309 25.23 -2.48 -30.65
N ASN A 310 24.44 -2.23 -29.61
CA ASN A 310 24.96 -1.75 -28.32
C ASN A 310 25.03 -2.82 -27.23
N LEU A 311 24.71 -4.06 -27.60
CA LEU A 311 24.68 -5.15 -26.62
C LEU A 311 26.03 -5.32 -25.95
N GLN A 312 27.08 -5.38 -26.74
CA GLN A 312 28.38 -5.70 -26.22
C GLN A 312 28.90 -4.58 -25.31
N GLU A 313 28.72 -3.33 -25.71
CA GLU A 313 29.16 -2.23 -24.86
C GLU A 313 28.46 -2.22 -23.49
N CYS A 314 27.17 -2.58 -23.47
CA CYS A 314 26.41 -2.55 -22.25
C CYS A 314 26.78 -3.70 -21.29
N LEU A 315 27.07 -4.88 -21.84
CA LEU A 315 27.51 -5.97 -21.01
C LEU A 315 28.87 -5.60 -20.43
N GLU A 316 29.73 -4.98 -21.25
CA GLU A 316 31.02 -4.54 -20.74
C GLU A 316 30.90 -3.57 -19.55
N LEU A 317 30.09 -2.53 -19.73
CA LEU A 317 29.82 -1.58 -18.69
C LEU A 317 29.23 -2.27 -17.44
N SER A 318 28.50 -3.37 -17.62
CA SER A 318 27.85 -4.10 -16.52
C SER A 318 28.78 -4.90 -15.63
N LYS A 319 29.95 -5.26 -16.16
CA LYS A 319 30.89 -6.11 -15.42
C LYS A 319 31.38 -5.46 -14.13
N ASP A 320 31.51 -4.14 -14.14
CA ASP A 320 32.06 -3.37 -13.05
C ASP A 320 31.00 -2.79 -12.10
N VAL A 321 29.74 -3.23 -12.20
CA VAL A 321 28.71 -2.72 -11.32
C VAL A 321 28.06 -3.85 -10.51
N ASP A 322 27.32 -3.46 -9.48
CA ASP A 322 26.60 -4.43 -8.63
C ASP A 322 25.16 -4.64 -9.09
N VAL A 323 24.57 -3.67 -9.76
CA VAL A 323 23.19 -3.78 -10.23
C VAL A 323 23.02 -2.97 -11.50
N VAL A 324 22.09 -3.42 -12.34
CA VAL A 324 21.69 -2.70 -13.52
C VAL A 324 20.20 -2.41 -13.51
N ALA A 325 19.85 -1.14 -13.67
CA ALA A 325 18.46 -0.73 -13.92
C ALA A 325 18.32 -0.47 -15.43
N ILE A 326 17.22 -0.89 -16.01
CA ILE A 326 16.99 -0.75 -17.44
C ILE A 326 15.54 -0.43 -17.76
N GLY A 327 15.30 0.47 -18.73
CA GLY A 327 13.95 0.72 -19.22
C GLY A 327 13.38 2.11 -19.31
N PRO A 328 13.67 2.96 -18.33
CA PRO A 328 13.05 4.31 -18.38
C PRO A 328 13.48 5.03 -19.66
N GLY A 329 12.49 5.51 -20.39
CA GLY A 329 12.70 6.24 -21.61
C GLY A 329 13.36 5.53 -22.77
N LEU A 330 13.41 4.19 -22.76
CA LEU A 330 14.09 3.50 -23.87
C LEU A 330 13.33 3.61 -25.19
N GLY A 331 12.02 3.75 -25.10
CA GLY A 331 11.16 3.64 -26.28
C GLY A 331 10.84 2.17 -26.45
N ASN A 332 9.87 1.90 -27.28
CA ASN A 332 9.42 0.54 -27.49
C ASN A 332 9.29 0.38 -29.01
N ASN A 333 10.32 -0.17 -29.63
CA ASN A 333 10.30 -0.61 -31.04
C ASN A 333 11.04 -1.95 -31.04
N GLU A 334 11.05 -2.61 -32.18
CA GLU A 334 11.57 -3.96 -32.25
C GLU A 334 13.06 -4.06 -31.94
N HIS A 335 13.83 -3.04 -32.25
CA HIS A 335 15.27 -3.07 -31.98
C HIS A 335 15.52 -2.92 -30.50
N VAL A 336 14.71 -2.11 -29.82
CA VAL A 336 14.80 -2.02 -28.35
C VAL A 336 14.44 -3.37 -27.73
N ARG A 337 13.36 -3.98 -28.20
CA ARG A 337 12.93 -5.30 -27.72
C ARG A 337 14.04 -6.34 -27.85
N GLU A 338 14.70 -6.38 -29.01
CA GLU A 338 15.79 -7.36 -29.24
C GLU A 338 16.94 -7.10 -28.28
N PHE A 339 17.34 -5.85 -28.15
CA PHE A 339 18.39 -5.48 -27.22
C PHE A 339 18.02 -5.82 -25.80
N VAL A 340 16.87 -5.36 -25.32
CA VAL A 340 16.52 -5.56 -23.90
C VAL A 340 16.54 -7.05 -23.50
N ASN A 341 15.96 -7.89 -24.36
CA ASN A 341 15.84 -9.33 -24.06
C ASN A 341 17.19 -10.08 -24.16
N GLU A 342 17.99 -9.81 -25.19
CA GLU A 342 19.33 -10.42 -25.27
C GLU A 342 20.22 -9.95 -24.10
N PHE A 343 20.13 -8.67 -23.75
CA PHE A 343 20.89 -8.15 -22.63
C PHE A 343 20.55 -8.88 -21.32
N LEU A 344 19.26 -8.90 -20.98
CA LEU A 344 18.85 -9.46 -19.72
C LEU A 344 19.14 -10.99 -19.67
N LYS A 345 19.07 -11.65 -20.83
CA LYS A 345 19.39 -13.06 -20.90
C LYS A 345 20.84 -13.30 -20.56
N THR A 346 21.72 -12.37 -20.90
CA THR A 346 23.15 -12.54 -20.71
C THR A 346 23.65 -11.89 -19.44
N LEU A 347 22.95 -10.87 -18.95
CA LEU A 347 23.42 -10.16 -17.77
C LEU A 347 23.35 -11.04 -16.51
N GLU A 348 24.50 -11.22 -15.84
CA GLU A 348 24.50 -11.98 -14.58
C GLU A 348 24.73 -11.07 -13.40
N LYS A 349 23.80 -10.12 -13.25
CA LYS A 349 23.75 -9.18 -12.14
C LYS A 349 22.26 -9.01 -11.84
N PRO A 350 21.92 -8.66 -10.60
CA PRO A 350 20.56 -8.21 -10.34
C PRO A 350 20.14 -7.10 -11.32
N ALA A 351 18.90 -7.17 -11.79
CA ALA A 351 18.33 -6.23 -12.76
C ALA A 351 17.08 -5.60 -12.15
N VAL A 352 16.92 -4.28 -12.33
CA VAL A 352 15.69 -3.60 -11.98
C VAL A 352 15.08 -3.24 -13.37
N ILE A 353 13.92 -3.79 -13.67
CA ILE A 353 13.33 -3.74 -15.02
C ILE A 353 12.07 -2.87 -14.93
N ASP A 354 12.05 -1.75 -15.67
CA ASP A 354 11.03 -0.74 -15.56
C ASP A 354 10.57 -0.30 -16.94
N ALA A 355 9.38 0.28 -16.98
CA ALA A 355 8.96 1.11 -18.09
C ALA A 355 9.02 0.36 -19.42
N ASP A 356 9.65 0.98 -20.42
CA ASP A 356 9.76 0.31 -21.72
C ASP A 356 10.50 -1.03 -21.71
N ALA A 357 11.41 -1.27 -20.76
CA ALA A 357 12.01 -2.61 -20.68
C ALA A 357 10.96 -3.64 -20.25
N ILE A 358 9.94 -3.22 -19.47
CA ILE A 358 8.80 -4.10 -19.17
C ILE A 358 7.92 -4.30 -20.41
N ASN A 359 7.62 -3.21 -21.12
CA ASN A 359 6.78 -3.27 -22.34
C ASN A 359 7.32 -4.21 -23.42
N VAL A 360 8.63 -4.39 -23.52
CA VAL A 360 9.16 -5.28 -24.52
C VAL A 360 9.62 -6.61 -23.95
N LEU A 361 9.47 -6.82 -22.65
CA LEU A 361 10.02 -7.98 -21.97
C LEU A 361 9.39 -9.26 -22.47
N ASP A 362 10.23 -10.24 -22.76
CA ASP A 362 9.83 -11.63 -22.97
C ASP A 362 9.97 -12.29 -21.60
N THR A 363 8.85 -12.68 -21.00
CA THR A 363 8.92 -13.22 -19.64
C THR A 363 9.66 -14.56 -19.54
N SER A 364 9.85 -15.25 -20.66
CA SER A 364 10.71 -16.45 -20.68
C SER A 364 12.13 -16.14 -20.27
N VAL A 365 12.62 -15.00 -20.70
CA VAL A 365 13.92 -14.52 -20.23
C VAL A 365 14.04 -14.47 -18.70
N LEU A 366 13.00 -14.01 -18.01
CA LEU A 366 13.04 -13.95 -16.52
C LEU A 366 13.20 -15.28 -15.87
N LYS A 367 12.52 -16.29 -16.39
CA LYS A 367 12.59 -17.62 -15.83
C LYS A 367 13.99 -18.17 -15.97
N GLU A 368 14.64 -17.93 -17.11
CA GLU A 368 15.94 -18.56 -17.32
C GLU A 368 17.10 -17.78 -16.66
N ARG A 369 16.85 -16.57 -16.17
CA ARG A 369 17.89 -15.81 -15.50
C ARG A 369 18.22 -16.49 -14.18
N LYS A 370 19.49 -16.69 -13.91
CA LYS A 370 19.92 -17.18 -12.59
C LYS A 370 19.99 -16.00 -11.60
N SER A 371 20.42 -14.83 -12.07
CA SER A 371 20.45 -13.60 -11.26
C SER A 371 19.05 -13.05 -10.94
N PRO A 372 18.91 -12.30 -9.82
CA PRO A 372 17.58 -11.77 -9.45
C PRO A 372 17.09 -10.60 -10.27
N ALA A 373 15.81 -10.28 -10.11
CA ALA A 373 15.20 -9.17 -10.79
C ALA A 373 14.09 -8.55 -9.95
N VAL A 374 13.94 -7.24 -10.07
CA VAL A 374 12.77 -6.57 -9.58
C VAL A 374 12.09 -5.94 -10.81
N LEU A 375 10.79 -6.16 -10.96
CA LEU A 375 10.00 -5.49 -11.98
C LEU A 375 9.14 -4.43 -11.36
N THR A 376 9.06 -3.26 -11.98
CA THR A 376 8.30 -2.14 -11.42
C THR A 376 7.23 -1.54 -12.31
N PRO A 377 6.21 -2.33 -12.73
CA PRO A 377 5.12 -1.85 -13.56
C PRO A 377 4.10 -1.00 -12.81
N HIS A 378 3.54 0.04 -13.46
CA HIS A 378 2.21 0.56 -13.10
C HIS A 378 1.15 -0.39 -13.69
N PRO A 379 -0.12 -0.26 -13.30
CA PRO A 379 -1.10 -1.23 -13.78
C PRO A 379 -1.25 -1.36 -15.30
N GLY A 380 -1.03 -0.27 -16.03
CA GLY A 380 -1.07 -0.35 -17.50
C GLY A 380 0.01 -1.25 -18.06
N GLU A 381 1.20 -1.14 -17.49
CA GLU A 381 2.30 -1.99 -17.91
C GLU A 381 2.09 -3.44 -17.43
N MET A 382 1.59 -3.63 -16.21
CA MET A 382 1.29 -5.01 -15.73
C MET A 382 0.21 -5.67 -16.62
N ALA A 383 -0.79 -4.90 -16.99
CA ALA A 383 -1.89 -5.41 -17.81
C ALA A 383 -1.33 -5.90 -19.14
N ARG A 384 -0.55 -5.05 -19.83
CA ARG A 384 0.11 -5.41 -21.11
C ARG A 384 1.04 -6.62 -20.89
N LEU A 385 1.78 -6.65 -19.78
CA LEU A 385 2.71 -7.75 -19.53
C LEU A 385 2.00 -9.11 -19.39
N VAL A 386 0.88 -9.18 -18.69
CA VAL A 386 0.20 -10.49 -18.53
C VAL A 386 -1.03 -10.63 -19.46
N LYS A 387 -1.24 -9.67 -20.35
CA LYS A 387 -2.34 -9.77 -21.36
C LYS A 387 -3.70 -9.81 -20.67
N LYS A 388 -3.90 -8.93 -19.70
CA LYS A 388 -5.19 -8.74 -19.07
C LYS A 388 -5.57 -7.25 -19.10
N THR A 389 -6.72 -6.91 -18.55
CA THR A 389 -7.17 -5.56 -18.54
C THR A 389 -6.56 -4.89 -17.31
N VAL A 390 -6.47 -3.57 -17.36
CA VAL A 390 -6.05 -2.76 -16.23
C VAL A 390 -6.91 -3.07 -15.03
N GLY A 391 -8.23 -3.13 -15.21
CA GLY A 391 -9.19 -3.48 -14.11
C GLY A 391 -8.97 -4.85 -13.44
N ASP A 392 -8.57 -5.85 -14.20
CA ASP A 392 -8.26 -7.16 -13.69
C ASP A 392 -6.97 -7.17 -12.86
N VAL A 393 -6.00 -6.32 -13.16
CA VAL A 393 -4.72 -6.38 -12.46
C VAL A 393 -4.62 -5.35 -11.34
N LYS A 394 -5.35 -4.25 -11.43
CA LYS A 394 -5.20 -3.19 -10.47
C LYS A 394 -5.54 -3.67 -9.05
N TYR A 395 -4.66 -3.45 -8.11
CA TYR A 395 -4.86 -3.97 -6.73
C TYR A 395 -5.05 -5.48 -6.61
N ASN A 396 -4.65 -6.25 -7.64
CA ASN A 396 -4.86 -7.68 -7.60
C ASN A 396 -3.61 -8.33 -6.99
N TYR A 397 -3.51 -8.33 -5.67
CA TYR A 397 -2.28 -8.82 -5.05
C TYR A 397 -2.08 -10.30 -5.26
N GLU A 398 -3.15 -11.10 -5.33
CA GLU A 398 -2.95 -12.52 -5.61
C GLU A 398 -2.32 -12.75 -6.98
N LEU A 399 -2.74 -11.97 -7.99
CA LEU A 399 -2.13 -12.05 -9.32
C LEU A 399 -0.67 -11.64 -9.26
N ALA A 400 -0.39 -10.56 -8.53
CA ALA A 400 1.00 -10.13 -8.38
C ALA A 400 1.85 -11.25 -7.75
N GLU A 401 1.34 -11.88 -6.68
CA GLU A 401 2.05 -12.96 -5.99
C GLU A 401 2.34 -14.12 -6.93
N GLU A 402 1.34 -14.51 -7.73
CA GLU A 402 1.51 -15.63 -8.68
C GLU A 402 2.59 -15.30 -9.71
N PHE A 403 2.54 -14.09 -10.25
CA PHE A 403 3.49 -13.68 -11.22
C PHE A 403 4.93 -13.73 -10.64
N ALA A 404 5.07 -13.24 -9.40
CA ALA A 404 6.38 -13.14 -8.75
C ALA A 404 6.95 -14.55 -8.54
N LYS A 405 6.09 -15.42 -8.01
CA LYS A 405 6.45 -16.80 -7.76
C LYS A 405 6.81 -17.54 -9.06
N GLU A 406 5.97 -17.47 -10.06
CA GLU A 406 6.25 -18.14 -11.34
C GLU A 406 7.47 -17.66 -12.10
N ASN A 407 7.85 -16.40 -11.89
CA ASN A 407 8.95 -15.81 -12.66
C ASN A 407 10.18 -15.56 -11.81
N ASP A 408 10.15 -16.04 -10.57
CA ASP A 408 11.28 -15.90 -9.64
C ASP A 408 11.77 -14.48 -9.54
N CYS A 409 10.88 -13.54 -9.29
CA CYS A 409 11.25 -12.16 -9.16
C CYS A 409 10.51 -11.46 -8.00
N VAL A 410 10.84 -10.19 -7.80
CA VAL A 410 10.11 -9.32 -6.93
C VAL A 410 9.30 -8.46 -7.88
N LEU A 411 8.02 -8.31 -7.57
CA LEU A 411 7.13 -7.46 -8.34
C LEU A 411 6.69 -6.28 -7.50
N VAL A 412 6.85 -5.10 -8.06
CA VAL A 412 6.45 -3.85 -7.40
C VAL A 412 5.38 -3.28 -8.30
N LEU A 413 4.12 -3.50 -7.93
CA LEU A 413 2.96 -3.02 -8.66
C LEU A 413 2.54 -1.67 -8.15
N LYS A 414 2.88 -0.62 -8.89
CA LYS A 414 2.73 0.77 -8.45
C LYS A 414 1.24 1.24 -8.49
N SER A 415 0.83 2.00 -7.49
CA SER A 415 -0.47 2.66 -7.43
C SER A 415 -0.49 3.37 -6.10
N ALA A 416 -1.61 4.02 -5.80
CA ALA A 416 -1.70 4.85 -4.63
C ALA A 416 -1.34 4.00 -3.45
N THR A 417 -1.78 2.76 -3.43
CA THR A 417 -1.20 1.76 -2.52
C THR A 417 -0.39 0.87 -3.41
N THR A 418 0.90 0.74 -3.11
CA THR A 418 1.80 -0.07 -3.94
C THR A 418 1.96 -1.44 -3.27
N ILE A 419 1.91 -2.46 -4.10
CA ILE A 419 2.08 -3.86 -3.66
C ILE A 419 3.50 -4.32 -3.98
N VAL A 420 4.19 -4.87 -2.98
CA VAL A 420 5.56 -5.35 -3.16
C VAL A 420 5.54 -6.81 -2.79
N THR A 421 5.88 -7.70 -3.70
CA THR A 421 5.80 -9.12 -3.40
C THR A 421 6.90 -9.93 -4.05
N ASP A 422 7.30 -10.99 -3.40
CA ASP A 422 8.17 -11.97 -4.02
C ASP A 422 7.47 -13.31 -4.21
N GLY A 423 6.15 -13.32 -4.01
CA GLY A 423 5.35 -14.55 -4.14
C GLY A 423 5.09 -15.24 -2.80
N GLU A 424 5.90 -14.96 -1.80
CA GLU A 424 5.71 -15.56 -0.48
C GLU A 424 5.27 -14.49 0.48
N LYS A 425 6.04 -13.41 0.50
CA LYS A 425 5.81 -12.31 1.39
C LYS A 425 5.27 -11.15 0.54
N THR A 426 4.23 -10.49 1.03
CA THR A 426 3.61 -9.37 0.37
C THR A 426 3.44 -8.17 1.30
N LEU A 427 3.93 -7.02 0.84
CA LEU A 427 3.90 -5.80 1.63
C LEU A 427 3.10 -4.73 0.88
N PHE A 428 2.38 -3.92 1.65
CA PHE A 428 1.58 -2.85 1.09
C PHE A 428 2.14 -1.51 1.53
N ASN A 429 2.40 -0.62 0.58
CA ASN A 429 2.87 0.75 0.91
C ASN A 429 1.74 1.75 0.86
N ILE A 430 1.62 2.57 1.92
CA ILE A 430 0.58 3.58 1.99
C ILE A 430 1.13 5.02 2.12
N THR A 431 2.43 5.23 1.95
CA THR A 431 2.97 6.60 1.92
C THR A 431 2.80 7.17 0.55
N GLY A 432 2.86 8.49 0.46
CA GLY A 432 2.75 9.16 -0.85
C GLY A 432 1.53 10.04 -0.92
N ASN A 433 1.40 10.73 -2.05
CA ASN A 433 0.19 11.52 -2.31
C ASN A 433 0.11 11.73 -3.85
N THR A 434 -0.83 12.55 -4.29
CA THR A 434 -1.07 12.71 -5.70
C THR A 434 -0.01 13.56 -6.41
N GLY A 435 0.95 14.14 -5.69
CA GLY A 435 2.04 14.78 -6.37
C GLY A 435 2.90 13.79 -7.12
N LEU A 436 2.83 12.49 -6.76
CA LEU A 436 3.55 11.46 -7.50
C LEU A 436 2.83 11.03 -8.80
N SER A 437 1.58 11.46 -8.97
CA SER A 437 0.76 11.20 -10.17
C SER A 437 1.14 12.15 -11.31
N LYS A 438 2.40 12.04 -11.73
CA LYS A 438 2.95 12.97 -12.67
C LYS A 438 4.25 12.35 -13.21
N GLY A 439 4.46 12.49 -14.51
CA GLY A 439 5.58 11.86 -15.17
C GLY A 439 6.92 12.12 -14.49
N GLY A 440 7.68 11.05 -14.31
CA GLY A 440 9.03 11.18 -13.74
C GLY A 440 9.18 10.50 -12.39
N SER A 441 8.07 10.37 -11.68
CA SER A 441 8.16 9.91 -10.29
C SER A 441 8.57 8.44 -10.27
N GLY A 442 8.10 7.69 -11.25
CA GLY A 442 8.48 6.32 -11.45
C GLY A 442 9.96 6.16 -11.76
N ASP A 443 10.52 7.05 -12.55
CA ASP A 443 11.90 6.96 -12.93
C ASP A 443 12.78 7.12 -11.66
N VAL A 444 12.38 8.02 -10.76
CA VAL A 444 13.09 8.20 -9.50
C VAL A 444 13.07 6.91 -8.68
N LEU A 445 11.89 6.29 -8.54
CA LEU A 445 11.77 5.10 -7.74
C LEU A 445 12.71 3.98 -8.29
N THR A 446 12.76 3.82 -9.60
CA THR A 446 13.69 2.82 -10.20
C THR A 446 15.15 2.96 -9.74
N GLY A 447 15.66 4.19 -9.78
CA GLY A 447 16.96 4.47 -9.26
C GLY A 447 17.08 4.15 -7.78
N MET A 448 16.07 4.51 -7.01
CA MET A 448 16.13 4.21 -5.57
C MET A 448 16.29 2.70 -5.25
N ILE A 449 15.49 1.88 -5.90
CA ILE A 449 15.54 0.42 -5.70
C ILE A 449 16.94 -0.10 -6.09
N ALA A 450 17.45 0.31 -7.26
CA ALA A 450 18.75 -0.15 -7.76
C ALA A 450 19.78 0.23 -6.77
N GLY A 451 19.64 1.45 -6.23
CA GLY A 451 20.59 2.01 -5.28
C GLY A 451 20.67 1.18 -4.00
N PHE A 452 19.51 0.80 -3.49
CA PHE A 452 19.51 0.06 -2.26
C PHE A 452 20.01 -1.37 -2.49
N ILE A 453 19.76 -1.93 -3.66
CA ILE A 453 20.32 -3.25 -3.94
C ILE A 453 21.86 -3.19 -3.99
N ALA A 454 22.37 -2.16 -4.62
CA ALA A 454 23.77 -1.94 -4.70
C ALA A 454 24.42 -1.84 -3.30
N GLN A 455 23.71 -1.25 -2.34
CA GLN A 455 24.24 -1.09 -1.00
C GLN A 455 24.08 -2.40 -0.21
N GLY A 456 23.49 -3.44 -0.79
CA GLY A 456 23.50 -4.74 -0.15
C GLY A 456 22.14 -5.20 0.33
N LEU A 457 21.07 -4.46 0.03
CA LEU A 457 19.76 -4.95 0.47
C LEU A 457 19.30 -5.99 -0.57
N SER A 458 18.53 -6.98 -0.12
CA SER A 458 17.88 -7.94 -1.00
C SER A 458 16.99 -7.15 -1.95
N PRO A 459 16.70 -7.69 -3.14
CA PRO A 459 15.68 -7.03 -4.02
C PRO A 459 14.33 -6.74 -3.31
N LEU A 460 13.87 -7.65 -2.47
CA LEU A 460 12.63 -7.42 -1.76
C LEU A 460 12.82 -6.27 -0.74
N GLU A 461 13.90 -6.32 0.02
CA GLU A 461 14.14 -5.29 1.04
C GLU A 461 14.31 -3.95 0.36
N ALA A 462 15.09 -3.91 -0.72
CA ALA A 462 15.34 -2.70 -1.46
C ALA A 462 14.05 -2.06 -1.94
N SER A 463 13.15 -2.90 -2.48
CA SER A 463 11.88 -2.43 -2.98
C SER A 463 11.01 -1.89 -1.83
N THR A 464 11.08 -2.54 -0.68
CA THR A 464 10.26 -2.19 0.48
C THR A 464 10.64 -0.83 1.01
N VAL A 465 11.95 -0.62 1.20
CA VAL A 465 12.47 0.65 1.70
C VAL A 465 12.20 1.77 0.69
N SER A 466 12.36 1.48 -0.59
CA SER A 466 12.29 2.51 -1.58
C SER A 466 10.87 3.03 -1.78
N VAL A 467 9.88 2.14 -1.81
CA VAL A 467 8.48 2.59 -2.02
C VAL A 467 8.03 3.44 -0.83
N TYR A 468 8.43 3.04 0.36
CA TYR A 468 8.11 3.84 1.54
C TYR A 468 8.73 5.23 1.47
N LEU A 469 10.05 5.27 1.24
CA LEU A 469 10.80 6.54 1.29
C LEU A 469 10.37 7.48 0.17
N HIS A 470 10.05 6.90 -0.98
CA HIS A 470 9.63 7.65 -2.20
C HIS A 470 8.32 8.34 -1.92
N GLY A 471 7.37 7.62 -1.33
CA GLY A 471 6.11 8.26 -0.93
C GLY A 471 6.26 9.26 0.21
N PHE A 472 7.08 8.94 1.20
CA PHE A 472 7.26 9.84 2.35
C PHE A 472 7.92 11.17 1.91
N ALA A 473 8.90 11.10 1.03
CA ALA A 473 9.50 12.30 0.46
C ALA A 473 8.44 13.23 -0.19
N ALA A 474 7.50 12.64 -0.92
CA ALA A 474 6.42 13.39 -1.56
C ALA A 474 5.62 14.11 -0.50
N GLU A 475 5.33 13.45 0.62
CA GLU A 475 4.56 14.07 1.69
C GLU A 475 5.31 15.22 2.36
N LEU A 476 6.62 15.29 2.18
CA LEU A 476 7.37 16.32 2.86
C LEU A 476 7.42 17.57 2.01
N PHE A 477 6.87 17.55 0.80
CA PHE A 477 6.85 18.74 -0.03
C PHE A 477 6.07 19.82 0.71
N GLU A 478 6.62 21.03 0.74
CA GLU A 478 6.11 22.11 1.54
C GLU A 478 4.88 22.82 0.95
N GLN A 479 4.72 22.82 -0.36
CA GLN A 479 3.58 23.50 -0.95
C GLN A 479 2.51 22.51 -1.41
N ASP A 480 1.56 22.93 -2.24
CA ASP A 480 0.49 22.01 -2.61
C ASP A 480 1.03 20.85 -3.43
N GLU A 481 0.61 19.65 -3.07
CA GLU A 481 1.17 18.41 -3.64
C GLU A 481 1.03 18.34 -5.12
N ARG A 482 0.04 19.03 -5.67
CA ARG A 482 -0.13 18.89 -7.08
C ARG A 482 0.97 19.58 -7.87
N GLY A 483 1.73 20.45 -7.24
CA GLY A 483 2.82 21.13 -7.91
C GLY A 483 4.16 20.42 -7.74
N LEU A 484 4.19 19.29 -7.05
CA LEU A 484 5.41 18.52 -6.86
C LEU A 484 5.84 18.01 -8.18
N THR A 485 7.14 18.09 -8.42
CA THR A 485 7.75 17.50 -9.59
C THR A 485 8.86 16.55 -9.14
N ALA A 486 9.26 15.66 -10.06
CA ALA A 486 10.31 14.68 -9.80
C ALA A 486 11.63 15.29 -9.29
N SER A 487 12.04 16.41 -9.87
CA SER A 487 13.25 17.09 -9.43
C SER A 487 13.12 17.53 -7.96
N GLU A 488 11.93 17.96 -7.55
CA GLU A 488 11.75 18.40 -6.18
C GLU A 488 11.72 17.16 -5.29
N LEU A 489 11.11 16.10 -5.81
CA LEU A 489 11.06 14.84 -5.08
C LEU A 489 12.46 14.37 -4.72
N LEU A 490 13.36 14.44 -5.69
CA LEU A 490 14.76 14.05 -5.45
C LEU A 490 15.39 14.81 -4.28
N ARG A 491 15.16 16.12 -4.23
CA ARG A 491 15.71 17.00 -3.18
C ARG A 491 15.17 16.60 -1.81
N LEU A 492 13.98 16.02 -1.75
CA LEU A 492 13.34 15.67 -0.49
C LEU A 492 13.70 14.30 0.08
N ILE A 493 14.28 13.45 -0.75
CA ILE A 493 14.65 12.13 -0.31
C ILE A 493 15.57 12.11 0.95
N PRO A 494 16.65 12.93 0.98
CA PRO A 494 17.55 12.85 2.14
C PRO A 494 16.86 13.36 3.44
N GLU A 495 15.90 14.27 3.30
CA GLU A 495 15.08 14.65 4.43
C GLU A 495 14.15 13.50 4.87
N ALA A 496 13.55 12.79 3.92
CA ALA A 496 12.80 11.60 4.28
C ALA A 496 13.67 10.61 5.07
N ILE A 497 14.89 10.38 4.60
CA ILE A 497 15.82 9.46 5.27
C ILE A 497 16.11 9.97 6.67
N ARG A 498 16.37 11.25 6.82
CA ARG A 498 16.69 11.75 8.18
C ARG A 498 15.50 11.56 9.08
N ARG A 499 14.29 11.86 8.62
CA ARG A 499 13.11 11.74 9.47
C ARG A 499 12.85 10.28 9.90
N LEU A 500 13.17 9.33 9.04
CA LEU A 500 13.05 7.92 9.34
C LEU A 500 13.88 7.49 10.53
N LYS A 501 14.93 8.23 10.87
CA LYS A 501 15.76 7.92 12.06
C LYS A 501 16.00 9.14 12.95
N ALA B 1 0.33 2.77 23.23
CA ALA B 1 0.71 1.58 22.40
C ALA B 1 0.03 0.24 22.71
N TRP B 2 -0.32 -0.03 23.99
CA TRP B 2 -0.89 -1.34 24.36
C TRP B 2 -2.22 -1.65 23.65
N LEU B 3 -3.13 -0.68 23.62
CA LEU B 3 -4.45 -0.87 23.03
C LEU B 3 -4.52 -0.63 21.51
N PHE B 4 -3.90 0.46 21.05
CA PHE B 4 -4.02 0.89 19.65
C PHE B 4 -2.68 0.90 18.90
N GLU B 5 -2.70 0.43 17.66
CA GLU B 5 -1.69 0.79 16.66
C GLU B 5 -2.34 1.78 15.67
N ALA B 6 -1.57 2.76 15.19
CA ALA B 6 -2.09 3.75 14.19
C ALA B 6 -1.84 3.29 12.76
K K C . -19.26 -2.08 10.03
MG MG D . 7.09 4.40 -15.20
PA NAD E . -20.91 -9.89 9.95
O1A NAD E . -21.52 -9.36 11.20
O2A NAD E . -19.80 -9.13 9.36
O5B NAD E . -22.10 -9.87 8.89
C5B NAD E . -22.88 -11.00 8.63
C4B NAD E . -24.33 -10.59 8.78
O4B NAD E . -24.74 -9.72 7.73
C3B NAD E . -25.27 -11.77 8.69
O3B NAD E . -26.46 -11.42 9.40
C2B NAD E . -25.49 -11.84 7.18
O2B NAD E . -26.65 -12.54 6.85
C1B NAD E . -25.60 -10.37 6.83
N9A NAD E . -25.19 -10.03 5.46
C8A NAD E . -23.98 -10.27 4.87
N7A NAD E . -23.99 -9.77 3.63
C5A NAD E . -25.19 -9.20 3.42
C6A NAD E . -25.70 -8.56 2.31
N6A NAD E . -24.90 -8.28 1.27
N1A NAD E . -26.98 -8.06 2.37
C2A NAD E . -27.73 -8.20 3.51
N3A NAD E . -27.20 -8.86 4.61
C4A NAD E . -25.96 -9.34 4.55
O3 NAD E . -20.43 -11.38 9.99
PN NAD E . -19.97 -12.21 11.26
O1N NAD E . -19.02 -13.18 10.76
O2N NAD E . -21.19 -12.48 12.03
O5D NAD E . -19.15 -11.18 12.18
C5D NAD E . -17.84 -10.77 11.88
C4D NAD E . -17.60 -9.52 12.73
O4D NAD E . -17.66 -9.80 14.11
C3D NAD E . -16.24 -8.86 12.45
O3D NAD E . -16.33 -7.91 11.43
C2D NAD E . -15.92 -8.29 13.82
O2D NAD E . -16.60 -7.08 13.98
C1D NAD E . -16.53 -9.30 14.78
N1N NAD E . -15.58 -10.36 15.10
N1 APR F . -0.51 8.27 -4.47
C2 APR F . 0.64 7.66 -4.14
N3 APR F . 1.56 7.31 -5.05
C4 APR F . 1.36 7.57 -6.37
C5 APR F . 0.13 8.24 -6.80
C6 APR F . -0.83 8.60 -5.74
N6 APR F . -1.99 9.21 -6.05
N7 APR F . 0.19 8.37 -8.12
C8 APR F . 1.36 7.84 -8.53
N9 APR F . 2.04 7.36 -7.48
C1' APR F . 3.38 6.73 -7.53
C2' APR F . 3.32 5.29 -8.00
O2' APR F . 3.08 4.35 -6.97
C3' APR F . 4.70 5.16 -8.60
O3' APR F . 5.60 4.86 -7.54
O4' APR F . 4.22 7.42 -8.45
C4' APR F . 5.01 6.52 -9.19
C5' APR F . 4.58 6.61 -10.66
O5' APR F . 5.30 5.68 -11.46
PA APR F . 4.89 5.42 -12.98
O1A APR F . 3.48 5.01 -13.00
O2A APR F . 5.92 4.57 -13.62
O3A APR F . 4.77 6.89 -13.59
PB APR F . 5.80 7.77 -14.43
O1B APR F . 4.95 8.73 -15.14
O2B APR F . 6.90 8.31 -13.60
O5D APR F . 6.45 6.84 -15.54
C5D APR F . 7.39 7.40 -16.44
O4D APR F . 7.86 5.42 -17.78
O1D APR F . 6.13 3.88 -17.34
C1D APR F . 6.92 4.50 -18.34
O2D APR F . 6.67 5.49 -20.47
C2D APR F . 6.02 5.33 -19.22
O3D APR F . 5.62 7.74 -19.25
C3D APR F . 5.94 6.62 -18.42
C4D APR F . 7.34 6.74 -17.82
PA NAD G . 1.67 4.19 -20.22
O1A NAD G . 2.43 3.09 -20.83
O2A NAD G . 2.39 4.64 -19.01
O5B NAD G . 0.17 3.66 -19.94
C5B NAD G . -0.79 4.55 -19.45
C4B NAD G . -2.01 3.80 -18.92
O4B NAD G . -1.68 2.95 -17.84
C3B NAD G . -3.07 4.71 -18.32
O3B NAD G . -3.89 5.32 -19.28
C2B NAD G . -3.85 3.77 -17.44
O2B NAD G . -4.77 2.98 -18.14
C1B NAD G . -2.74 2.88 -16.92
N9A NAD G . -2.33 3.28 -15.57
C8A NAD G . -1.16 3.83 -15.15
N7A NAD G . -1.23 3.99 -13.81
C5A NAD G . -2.43 3.54 -13.36
C6A NAD G . -3.05 3.45 -12.09
N6A NAD G . -2.40 3.59 -10.93
N1A NAD G . -4.34 2.93 -12.03
C2A NAD G . -4.99 2.50 -13.17
N3A NAD G . -4.37 2.60 -14.40
C4A NAD G . -3.12 3.10 -14.48
O3 NAD G . 1.42 5.43 -21.23
PN NAD G . 1.80 7.01 -21.00
O1N NAD G . 2.73 7.17 -19.86
O2N NAD G . 0.56 7.81 -21.05
O5D NAD G . 2.69 7.39 -22.32
#